data_7RGN
#
_entry.id   7RGN
#
_cell.length_a   64.477
_cell.length_b   64.477
_cell.length_c   320.770
_cell.angle_alpha   90.000
_cell.angle_beta   90.000
_cell.angle_gamma   120.000
#
_symmetry.space_group_name_H-M   'P 65 2 2'
#
loop_
_entity.id
_entity.type
_entity.pdbx_description
1 polymer 'Fructose-bisphosphate aldolase'
2 non-polymer GLYCEROL
3 non-polymer 'ISOPROPYL ALCOHOL'
4 non-polymer 'ZINC ION'
5 water water
#
_entity_poly.entity_id   1
_entity_poly.type   'polypeptide(L)'
_entity_poly.pdbx_seq_one_letter_code
;MAEVLKKSGVIYGDDVRKLFDYAQEKGFAIPAINVTSSSTVVAALESARDNKSPIILQTSQGGAAYFAGKGVSNSDQTAS
IQGSIAAAHYIRAISPVYGIPVILHTDHCAKKLLPWFDGMLKADEEFFAKTGQPLFSSHMLDLSEETDDENIATCVKYFE
RMSKMNQWLEMEIGITGGEEDGVNNEHVEKESLYTQPETVFAVYKALAPISPNFSIAAAFGNVHGVYKPGNVQLRPSILG
EHQKYAKEQIGTDNKKPLYLVFHGGSGSSQEEFDTAIASGVVKVNLDTDCQYAYLTGIRDYILNKKEYLMTPVGNPDGED
KPNKKYFDPRVWVREGEKSMSARIAEALEIFHTKNQL
;
_entity_poly.pdbx_strand_id   A
#
# COMPACT_ATOMS: atom_id res chain seq x y z
N MET A 1 22.15 -5.26 6.47
CA MET A 1 20.85 -5.13 5.82
C MET A 1 20.28 -3.72 5.98
N ALA A 2 20.87 -2.95 6.90
CA ALA A 2 20.46 -1.57 7.13
C ALA A 2 20.89 -0.63 6.00
N GLU A 3 21.43 -1.17 4.91
CA GLU A 3 21.82 -0.36 3.77
C GLU A 3 20.63 0.23 3.02
N VAL A 4 19.43 -0.32 3.23
CA VAL A 4 18.25 0.18 2.55
C VAL A 4 17.81 1.53 3.10
N LEU A 5 18.16 1.85 4.35
CA LEU A 5 17.73 3.10 4.95
C LEU A 5 18.30 4.31 4.24
N LYS A 6 19.41 4.16 3.52
CA LYS A 6 20.01 5.26 2.77
C LYS A 6 19.68 5.19 1.28
N LYS A 7 18.67 4.40 0.90
CA LYS A 7 18.26 4.29 -0.49
C LYS A 7 17.25 5.37 -0.84
N SER A 8 17.29 5.81 -2.09
CA SER A 8 16.49 6.94 -2.57
C SER A 8 15.59 6.46 -3.71
N GLY A 9 14.29 6.43 -3.48
CA GLY A 9 13.33 6.08 -4.49
C GLY A 9 12.70 4.72 -4.25
N VAL A 10 12.20 4.14 -5.33
CA VAL A 10 11.54 2.84 -5.28
C VAL A 10 12.59 1.75 -5.15
N ILE A 11 12.38 0.83 -4.21
CA ILE A 11 13.30 -0.28 -3.97
C ILE A 11 12.68 -1.56 -4.50
N TYR A 12 13.55 -2.53 -4.81
CA TYR A 12 13.12 -3.79 -5.40
C TYR A 12 13.90 -4.95 -4.79
N GLY A 13 13.37 -6.14 -4.99
CA GLY A 13 14.15 -7.35 -4.71
C GLY A 13 14.42 -7.53 -3.24
N ASP A 14 15.68 -7.84 -2.92
CA ASP A 14 16.08 -8.07 -1.54
C ASP A 14 15.98 -6.83 -0.69
N ASP A 15 15.97 -5.64 -1.31
CA ASP A 15 15.85 -4.42 -0.54
C ASP A 15 14.48 -4.29 0.11
N VAL A 16 13.44 -4.88 -0.51
CA VAL A 16 12.12 -4.85 0.12
C VAL A 16 12.10 -5.74 1.36
N ARG A 17 12.71 -6.92 1.27
CA ARG A 17 12.78 -7.80 2.44
C ARG A 17 13.68 -7.20 3.52
N LYS A 18 14.75 -6.52 3.12
CA LYS A 18 15.61 -5.87 4.10
C LYS A 18 14.86 -4.79 4.87
N LEU A 19 14.00 -4.04 4.17
CA LEU A 19 13.21 -3.00 4.85
C LEU A 19 12.21 -3.63 5.79
N PHE A 20 11.50 -4.67 5.34
CA PHE A 20 10.55 -5.34 6.22
C PHE A 20 11.25 -6.04 7.38
N ASP A 21 12.45 -6.57 7.15
CA ASP A 21 13.20 -7.16 8.26
C ASP A 21 13.62 -6.11 9.27
N TYR A 22 14.05 -4.93 8.79
CA TYR A 22 14.38 -3.84 9.70
C TYR A 22 13.13 -3.35 10.44
N ALA A 23 11.97 -3.38 9.76
CA ALA A 23 10.74 -3.02 10.44
C ALA A 23 10.41 -4.00 11.56
N GLN A 24 10.63 -5.29 11.32
CA GLN A 24 10.35 -6.29 12.34
C GLN A 24 11.37 -6.22 13.48
N GLU A 25 12.64 -5.97 13.14
CA GLU A 25 13.66 -5.90 14.18
C GLU A 25 13.49 -4.68 15.06
N LYS A 26 13.15 -3.53 14.49
CA LYS A 26 12.97 -2.30 15.25
C LYS A 26 11.58 -2.16 15.82
N GLY A 27 10.60 -2.93 15.33
CA GLY A 27 9.26 -2.90 15.88
C GLY A 27 8.40 -1.76 15.39
N PHE A 28 8.36 -1.53 14.08
CA PHE A 28 7.49 -0.52 13.51
C PHE A 28 6.87 -1.05 12.23
N ALA A 29 5.71 -0.51 11.89
CA ALA A 29 5.05 -0.82 10.63
C ALA A 29 5.08 0.39 9.70
N ILE A 30 4.98 0.12 8.42
CA ILE A 30 5.02 1.15 7.38
C ILE A 30 3.61 1.32 6.84
N PRO A 31 3.07 2.54 6.77
CA PRO A 31 1.74 2.72 6.20
C PRO A 31 1.77 2.56 4.69
N ALA A 32 0.73 1.92 4.17
CA ALA A 32 0.54 1.72 2.73
C ALA A 32 -0.52 2.70 2.26
N ILE A 33 -0.10 3.68 1.48
CA ILE A 33 -0.95 4.82 1.12
C ILE A 33 -1.51 4.57 -0.27
N ASN A 34 -2.84 4.51 -0.37
CA ASN A 34 -3.48 4.40 -1.68
C ASN A 34 -3.38 5.75 -2.40
N VAL A 35 -2.93 5.71 -3.65
CA VAL A 35 -2.74 6.92 -4.44
C VAL A 35 -3.59 6.83 -5.71
N THR A 36 -4.10 7.97 -6.14
CA THR A 36 -4.92 8.05 -7.34
C THR A 36 -4.48 9.12 -8.31
N SER A 37 -3.43 9.87 -8.00
CA SER A 37 -3.00 10.98 -8.85
C SER A 37 -1.58 11.36 -8.47
N SER A 38 -0.99 12.24 -9.28
CA SER A 38 0.31 12.80 -8.96
C SER A 38 0.23 13.64 -7.68
N SER A 39 -0.91 14.27 -7.42
CA SER A 39 -1.05 15.11 -6.23
C SER A 39 -1.07 14.27 -4.96
N THR A 40 -1.77 13.13 -4.98
CA THR A 40 -1.79 12.26 -3.80
C THR A 40 -0.47 11.52 -3.63
N VAL A 41 0.23 11.23 -4.73
CA VAL A 41 1.56 10.66 -4.63
C VAL A 41 2.49 11.62 -3.91
N VAL A 42 2.48 12.89 -4.31
CA VAL A 42 3.36 13.89 -3.73
C VAL A 42 3.05 14.08 -2.24
N ALA A 43 1.77 14.07 -1.88
CA ALA A 43 1.39 14.21 -0.47
C ALA A 43 2.01 13.10 0.38
N ALA A 44 2.03 11.87 -0.15
CA ALA A 44 2.60 10.76 0.62
C ALA A 44 4.12 10.83 0.67
N LEU A 45 4.77 11.12 -0.46
CA LEU A 45 6.22 11.21 -0.48
C LEU A 45 6.73 12.33 0.41
N GLU A 46 6.01 13.46 0.43
CA GLU A 46 6.43 14.59 1.26
C GLU A 46 6.26 14.29 2.75
N SER A 47 5.17 13.60 3.11
CA SER A 47 4.94 13.28 4.51
C SER A 47 6.02 12.36 5.04
N ALA A 48 6.39 11.34 4.27
CA ALA A 48 7.41 10.39 4.71
C ALA A 48 8.79 11.03 4.76
N ARG A 49 9.08 11.96 3.84
CA ARG A 49 10.36 12.66 3.89
C ARG A 49 10.44 13.56 5.10
N ASP A 50 9.40 14.36 5.34
CA ASP A 50 9.41 15.31 6.46
C ASP A 50 9.48 14.58 7.81
N ASN A 51 9.08 13.32 7.87
CA ASN A 51 9.14 12.54 9.10
C ASN A 51 10.27 11.51 9.09
N LYS A 52 11.16 11.58 8.10
CA LYS A 52 12.31 10.68 8.00
C LYS A 52 11.87 9.22 8.12
N SER A 53 11.01 8.82 7.20
CA SER A 53 10.34 7.53 7.29
C SER A 53 10.20 6.92 5.89
N PRO A 54 10.27 5.59 5.81
CA PRO A 54 9.92 4.92 4.54
C PRO A 54 8.41 4.93 4.35
N ILE A 55 7.99 4.63 3.12
CA ILE A 55 6.57 4.69 2.77
C ILE A 55 6.27 3.63 1.72
N ILE A 56 5.02 3.19 1.70
CA ILE A 56 4.51 2.27 0.69
C ILE A 56 3.44 3.00 -0.10
N LEU A 57 3.61 3.07 -1.41
CA LEU A 57 2.63 3.63 -2.32
C LEU A 57 1.93 2.49 -3.05
N GLN A 58 0.60 2.50 -3.03
CA GLN A 58 -0.14 1.45 -3.71
C GLN A 58 -1.28 2.05 -4.52
N THR A 59 -1.58 1.40 -5.64
CA THR A 59 -2.73 1.72 -6.47
C THR A 59 -3.70 0.54 -6.43
N SER A 60 -4.95 0.83 -6.14
CA SER A 60 -5.99 -0.18 -6.25
C SER A 60 -6.39 -0.35 -7.72
N GLN A 61 -7.30 -1.28 -7.98
CA GLN A 61 -7.80 -1.45 -9.34
C GLN A 61 -8.50 -0.18 -9.83
N GLY A 62 -9.33 0.42 -8.98
CA GLY A 62 -9.98 1.67 -9.33
C GLY A 62 -9.02 2.85 -9.34
N GLY A 63 -8.09 2.87 -8.39
CA GLY A 63 -7.12 3.95 -8.35
C GLY A 63 -6.18 3.94 -9.55
N ALA A 64 -5.74 2.75 -9.97
CA ALA A 64 -4.93 2.66 -11.17
C ALA A 64 -5.72 3.07 -12.40
N ALA A 65 -6.97 2.63 -12.49
CA ALA A 65 -7.83 3.05 -13.60
C ALA A 65 -8.04 4.55 -13.59
N TYR A 66 -8.02 5.17 -12.42
CA TYR A 66 -8.15 6.62 -12.37
C TYR A 66 -6.88 7.31 -12.87
N PHE A 67 -5.71 6.70 -12.68
CA PHE A 67 -4.48 7.25 -13.24
C PHE A 67 -4.55 7.34 -14.76
N ALA A 68 -5.37 6.49 -15.38
CA ALA A 68 -5.61 6.57 -16.82
C ALA A 68 -6.78 7.49 -17.17
N GLY A 69 -7.66 7.76 -16.21
CA GLY A 69 -8.84 8.59 -16.47
C GLY A 69 -10.08 7.76 -16.69
N LYS A 70 -11.22 8.19 -16.11
CA LYS A 70 -12.44 7.43 -16.26
C LYS A 70 -12.91 7.32 -17.70
N GLY A 71 -12.44 8.20 -18.58
CA GLY A 71 -12.82 8.13 -19.98
C GLY A 71 -12.28 6.93 -20.72
N VAL A 72 -11.34 6.21 -20.13
CA VAL A 72 -10.75 5.02 -20.74
C VAL A 72 -11.57 3.81 -20.36
N SER A 73 -11.97 3.02 -21.36
CA SER A 73 -12.74 1.81 -21.09
C SER A 73 -11.94 0.83 -20.24
N ASN A 74 -12.51 0.44 -19.11
CA ASN A 74 -11.87 -0.50 -18.20
C ASN A 74 -12.54 -1.87 -18.22
N SER A 75 -13.34 -2.16 -19.25
CA SER A 75 -14.02 -3.44 -19.32
C SER A 75 -13.04 -4.60 -19.47
N ASP A 76 -11.90 -4.37 -20.12
CA ASP A 76 -10.85 -5.37 -20.25
C ASP A 76 -9.68 -5.12 -19.32
N GLN A 77 -9.90 -4.38 -18.23
CA GLN A 77 -8.87 -3.92 -17.30
C GLN A 77 -7.83 -3.03 -17.95
N THR A 78 -8.10 -2.54 -19.17
CA THR A 78 -7.10 -1.76 -19.90
C THR A 78 -6.75 -0.47 -19.17
N ALA A 79 -7.76 0.22 -18.64
CA ALA A 79 -7.48 1.44 -17.86
C ALA A 79 -6.69 1.13 -16.62
N SER A 80 -7.05 0.07 -15.90
CA SER A 80 -6.29 -0.31 -14.72
C SER A 80 -4.87 -0.71 -15.07
N ILE A 81 -4.70 -1.44 -16.18
CA ILE A 81 -3.36 -1.87 -16.59
C ILE A 81 -2.53 -0.67 -17.01
N GLN A 82 -3.04 0.12 -17.96
CA GLN A 82 -2.27 1.27 -18.45
C GLN A 82 -2.08 2.33 -17.39
N GLY A 83 -3.05 2.49 -16.49
CA GLY A 83 -2.92 3.50 -15.45
C GLY A 83 -1.90 3.12 -14.40
N SER A 84 -1.88 1.84 -14.00
CA SER A 84 -0.89 1.41 -13.03
C SER A 84 0.52 1.51 -13.60
N ILE A 85 0.69 1.19 -14.89
CA ILE A 85 1.99 1.33 -15.52
C ILE A 85 2.41 2.80 -15.53
N ALA A 86 1.50 3.69 -15.94
CA ALA A 86 1.83 5.11 -15.98
C ALA A 86 2.10 5.65 -14.58
N ALA A 87 1.32 5.21 -13.60
CA ALA A 87 1.58 5.62 -12.21
C ALA A 87 2.93 5.09 -11.74
N ALA A 88 3.30 3.87 -12.16
CA ALA A 88 4.58 3.31 -11.76
C ALA A 88 5.73 4.13 -12.30
N HIS A 89 5.65 4.54 -13.58
CA HIS A 89 6.72 5.33 -14.15
C HIS A 89 6.83 6.70 -13.48
N TYR A 90 5.69 7.30 -13.14
CA TYR A 90 5.73 8.59 -12.45
C TYR A 90 6.37 8.45 -11.08
N ILE A 91 5.96 7.43 -10.33
CA ILE A 91 6.49 7.26 -8.97
C ILE A 91 7.97 6.93 -9.01
N ARG A 92 8.39 6.08 -9.96
CA ARG A 92 9.81 5.76 -10.09
C ARG A 92 10.63 7.00 -10.38
N ALA A 93 10.07 7.94 -11.16
CA ALA A 93 10.85 9.10 -11.58
C ALA A 93 10.94 10.17 -10.51
N ILE A 94 9.89 10.36 -9.71
CA ILE A 94 9.84 11.47 -8.78
C ILE A 94 10.24 11.10 -7.35
N SER A 95 10.14 9.84 -6.97
CA SER A 95 10.48 9.46 -5.60
C SER A 95 11.93 9.70 -5.21
N PRO A 96 12.94 9.52 -6.09
CA PRO A 96 14.32 9.77 -5.64
C PRO A 96 14.57 11.17 -5.09
N VAL A 97 13.87 12.18 -5.61
CA VAL A 97 14.07 13.54 -5.16
C VAL A 97 13.60 13.76 -3.72
N TYR A 98 12.84 12.82 -3.16
CA TYR A 98 12.41 12.91 -1.78
C TYR A 98 13.34 12.17 -0.83
N GLY A 99 14.28 11.38 -1.34
CA GLY A 99 15.33 10.81 -0.53
C GLY A 99 14.89 9.76 0.46
N ILE A 100 13.80 9.04 0.18
CA ILE A 100 13.28 8.02 1.08
C ILE A 100 13.12 6.71 0.34
N PRO A 101 13.27 5.56 1.00
CA PRO A 101 12.93 4.29 0.35
C PRO A 101 11.42 4.17 0.17
N VAL A 102 11.03 3.72 -1.02
CA VAL A 102 9.62 3.64 -1.40
C VAL A 102 9.32 2.23 -1.91
N ILE A 103 8.25 1.63 -1.42
CA ILE A 103 7.77 0.35 -1.93
C ILE A 103 6.56 0.63 -2.82
N LEU A 104 6.69 0.28 -4.10
CA LEU A 104 5.62 0.46 -5.08
C LEU A 104 4.77 -0.81 -5.13
N HIS A 105 3.51 -0.68 -4.77
CA HIS A 105 2.63 -1.82 -4.52
C HIS A 105 1.35 -1.64 -5.33
N THR A 106 0.62 -2.75 -5.52
CA THR A 106 -0.74 -2.69 -6.06
C THR A 106 -1.66 -3.41 -5.08
N ASP A 107 -2.88 -2.90 -4.94
CA ASP A 107 -3.81 -3.34 -3.91
C ASP A 107 -4.62 -4.58 -4.32
N HIS A 108 -5.83 -4.70 -3.79
CA HIS A 108 -6.61 -5.92 -3.90
C HIS A 108 -6.88 -6.28 -5.36
N CYS A 109 -6.69 -7.56 -5.68
CA CYS A 109 -6.96 -8.07 -7.03
C CYS A 109 -7.61 -9.44 -6.88
N ALA A 110 -8.93 -9.48 -7.00
CA ALA A 110 -9.69 -10.73 -6.86
C ALA A 110 -9.55 -11.57 -8.13
N LYS A 111 -10.21 -12.72 -8.12
CA LYS A 111 -10.13 -13.63 -9.27
C LYS A 111 -10.67 -12.96 -10.53
N LYS A 112 -11.75 -12.18 -10.40
CA LYS A 112 -12.32 -11.52 -11.57
C LYS A 112 -11.41 -10.45 -12.15
N LEU A 113 -10.48 -9.92 -11.35
CA LEU A 113 -9.58 -8.87 -11.79
C LEU A 113 -8.23 -9.41 -12.25
N LEU A 114 -8.10 -10.71 -12.43
CA LEU A 114 -6.83 -11.27 -12.86
C LEU A 114 -6.32 -10.75 -14.20
N PRO A 115 -7.16 -10.38 -15.18
CA PRO A 115 -6.62 -9.70 -16.37
C PRO A 115 -5.84 -8.44 -16.04
N TRP A 116 -6.19 -7.73 -14.96
CA TRP A 116 -5.39 -6.60 -14.53
C TRP A 116 -4.03 -7.05 -14.02
N PHE A 117 -4.01 -8.11 -13.22
CA PHE A 117 -2.75 -8.68 -12.72
C PHE A 117 -1.87 -9.16 -13.87
N ASP A 118 -2.47 -9.84 -14.85
CA ASP A 118 -1.69 -10.35 -15.98
C ASP A 118 -1.08 -9.21 -16.79
N GLY A 119 -1.82 -8.12 -16.97
CA GLY A 119 -1.29 -7.00 -17.74
C GLY A 119 -0.12 -6.32 -17.06
N MET A 120 -0.20 -6.12 -15.75
CA MET A 120 0.91 -5.53 -15.01
C MET A 120 2.14 -6.43 -15.04
N LEU A 121 1.95 -7.73 -14.84
CA LEU A 121 3.07 -8.67 -14.90
C LEU A 121 3.74 -8.62 -16.26
N LYS A 122 2.95 -8.47 -17.33
CA LYS A 122 3.52 -8.37 -18.67
C LYS A 122 4.41 -7.15 -18.81
N ALA A 123 3.96 -6.00 -18.30
CA ALA A 123 4.80 -4.80 -18.34
C ALA A 123 5.98 -4.95 -17.40
N ASP A 124 5.78 -5.61 -16.24
CA ASP A 124 6.90 -5.87 -15.35
C ASP A 124 7.98 -6.68 -16.04
N GLU A 125 7.59 -7.74 -16.76
CA GLU A 125 8.57 -8.60 -17.39
C GLU A 125 9.31 -7.88 -18.51
N GLU A 126 8.60 -7.05 -19.27
CA GLU A 126 9.26 -6.29 -20.33
C GLU A 126 10.27 -5.30 -19.75
N PHE A 127 9.89 -4.62 -18.65
CA PHE A 127 10.80 -3.69 -18.01
C PHE A 127 11.97 -4.40 -17.35
N PHE A 128 11.73 -5.59 -16.80
CA PHE A 128 12.80 -6.32 -16.12
C PHE A 128 13.87 -6.78 -17.11
N ALA A 129 13.46 -7.25 -18.28
CA ALA A 129 14.44 -7.68 -19.28
C ALA A 129 15.27 -6.51 -19.78
N LYS A 130 14.73 -5.30 -19.73
CA LYS A 130 15.44 -4.12 -20.21
C LYS A 130 16.37 -3.56 -19.14
N THR A 131 15.88 -3.40 -17.90
CA THR A 131 16.57 -2.66 -16.86
C THR A 131 17.03 -3.51 -15.69
N GLY A 132 16.62 -4.77 -15.60
CA GLY A 132 16.98 -5.61 -14.48
C GLY A 132 16.08 -5.44 -13.26
N GLN A 133 15.11 -4.54 -13.31
CA GLN A 133 14.11 -4.36 -12.28
C GLN A 133 12.73 -4.34 -12.90
N PRO A 134 11.72 -4.85 -12.21
CA PRO A 134 10.34 -4.71 -12.66
C PRO A 134 9.86 -3.27 -12.44
N LEU A 135 8.65 -3.00 -12.87
CA LEU A 135 8.06 -1.69 -12.60
C LEU A 135 7.64 -1.56 -11.13
N PHE A 136 6.85 -2.51 -10.65
CA PHE A 136 6.34 -2.46 -9.27
C PHE A 136 7.24 -3.28 -8.36
N SER A 137 7.42 -2.78 -7.12
CA SER A 137 8.11 -3.56 -6.10
C SER A 137 7.33 -4.82 -5.73
N SER A 138 5.99 -4.75 -5.77
CA SER A 138 5.20 -5.83 -5.23
C SER A 138 3.78 -5.74 -5.76
N HIS A 139 3.09 -6.87 -5.72
CA HIS A 139 1.70 -6.98 -6.14
C HIS A 139 0.92 -7.73 -5.08
N MET A 140 -0.39 -7.53 -5.06
CA MET A 140 -1.23 -8.17 -4.08
C MET A 140 -2.32 -8.97 -4.79
N LEU A 141 -2.54 -10.19 -4.33
CA LEU A 141 -3.60 -11.05 -4.80
C LEU A 141 -4.63 -11.23 -3.69
N ASP A 142 -5.91 -11.08 -4.03
CA ASP A 142 -7.00 -11.25 -3.07
C ASP A 142 -7.93 -12.34 -3.57
N LEU A 143 -7.51 -13.58 -3.44
CA LEU A 143 -8.38 -14.72 -3.71
C LEU A 143 -8.99 -15.28 -2.43
N SER A 144 -9.22 -14.41 -1.44
CA SER A 144 -9.81 -14.84 -0.18
C SER A 144 -11.23 -15.36 -0.36
N GLU A 145 -11.92 -14.93 -1.42
CA GLU A 145 -13.25 -15.44 -1.71
C GLU A 145 -13.22 -16.87 -2.26
N GLU A 146 -12.12 -17.28 -2.87
CA GLU A 146 -11.99 -18.64 -3.37
C GLU A 146 -11.60 -19.59 -2.24
N THR A 147 -11.66 -20.88 -2.53
CA THR A 147 -11.24 -21.88 -1.55
C THR A 147 -9.77 -21.69 -1.21
N ASP A 148 -9.41 -22.10 0.02
CA ASP A 148 -8.03 -21.95 0.46
C ASP A 148 -7.06 -22.72 -0.43
N ASP A 149 -7.49 -23.88 -0.95
CA ASP A 149 -6.65 -24.65 -1.85
C ASP A 149 -6.46 -23.93 -3.18
N GLU A 150 -7.55 -23.44 -3.76
CA GLU A 150 -7.46 -22.73 -5.03
C GLU A 150 -6.74 -21.38 -4.86
N ASN A 151 -6.99 -20.69 -3.75
CA ASN A 151 -6.30 -19.44 -3.47
C ASN A 151 -4.79 -19.65 -3.41
N ILE A 152 -4.35 -20.65 -2.65
CA ILE A 152 -2.92 -20.90 -2.49
C ILE A 152 -2.31 -21.39 -3.79
N ALA A 153 -2.99 -22.29 -4.50
CA ALA A 153 -2.46 -22.82 -5.75
C ALA A 153 -2.29 -21.71 -6.78
N THR A 154 -3.29 -20.84 -6.93
CA THR A 154 -3.17 -19.73 -7.87
C THR A 154 -2.07 -18.78 -7.44
N CYS A 155 -1.93 -18.56 -6.14
CA CYS A 155 -0.80 -17.78 -5.63
C CYS A 155 0.54 -18.42 -5.98
N VAL A 156 0.58 -19.76 -6.00
CA VAL A 156 1.82 -20.46 -6.33
C VAL A 156 2.21 -20.19 -7.78
N LYS A 157 1.25 -20.30 -8.70
CA LYS A 157 1.53 -20.02 -10.11
C LYS A 157 2.14 -18.63 -10.28
N TYR A 158 1.48 -17.60 -9.75
CA TYR A 158 1.94 -16.25 -9.98
C TYR A 158 3.26 -15.98 -9.26
N PHE A 159 3.43 -16.53 -8.06
CA PHE A 159 4.68 -16.32 -7.34
C PHE A 159 5.86 -16.96 -8.06
N GLU A 160 5.64 -18.12 -8.69
CA GLU A 160 6.68 -18.70 -9.53
C GLU A 160 7.07 -17.74 -10.65
N ARG A 161 6.08 -17.06 -11.23
CA ARG A 161 6.34 -16.11 -12.31
C ARG A 161 6.97 -14.83 -11.78
N MET A 162 6.55 -14.38 -10.59
CA MET A 162 7.07 -13.13 -10.03
C MET A 162 8.47 -13.30 -9.44
N SER A 163 8.80 -14.49 -8.95
CA SER A 163 10.11 -14.71 -8.35
C SER A 163 11.23 -14.61 -9.37
N LYS A 164 10.94 -14.78 -10.66
CA LYS A 164 11.94 -14.57 -11.69
C LYS A 164 12.47 -13.14 -11.67
N MET A 165 11.65 -12.19 -11.22
CA MET A 165 12.06 -10.80 -11.10
C MET A 165 12.32 -10.41 -9.65
N ASN A 166 12.38 -11.37 -8.74
CA ASN A 166 12.55 -11.12 -7.30
C ASN A 166 11.44 -10.22 -6.76
N GLN A 167 10.25 -10.29 -7.35
CA GLN A 167 9.15 -9.41 -6.99
C GLN A 167 8.44 -9.92 -5.74
N TRP A 168 8.03 -8.98 -4.89
CA TRP A 168 7.33 -9.31 -3.67
C TRP A 168 5.85 -9.58 -3.95
N LEU A 169 5.29 -10.58 -3.27
CA LEU A 169 3.89 -10.94 -3.44
C LEU A 169 3.19 -10.87 -2.08
N GLU A 170 2.13 -10.07 -2.02
CA GLU A 170 1.25 -10.08 -0.86
C GLU A 170 -0.02 -10.84 -1.22
N MET A 171 -0.46 -11.71 -0.33
CA MET A 171 -1.68 -12.48 -0.56
C MET A 171 -2.59 -12.31 0.65
N GLU A 172 -3.89 -12.42 0.40
CA GLU A 172 -4.91 -12.35 1.44
C GLU A 172 -5.59 -13.70 1.56
N ILE A 173 -5.76 -14.16 2.80
CA ILE A 173 -6.50 -15.38 3.11
C ILE A 173 -7.58 -15.03 4.12
N GLY A 174 -8.74 -15.66 3.98
CA GLY A 174 -9.88 -15.33 4.81
C GLY A 174 -10.36 -16.49 5.65
N ILE A 175 -11.67 -16.74 5.61
CA ILE A 175 -12.27 -17.78 6.44
C ILE A 175 -13.08 -18.74 5.57
N THR A 176 -12.68 -18.88 4.31
CA THR A 176 -13.39 -19.75 3.39
C THR A 176 -13.15 -21.23 3.75
N GLY A 177 -11.89 -21.63 3.79
CA GLY A 177 -11.58 -23.03 4.07
C GLY A 177 -11.61 -23.85 2.80
N GLY A 178 -12.34 -24.95 2.83
CA GLY A 178 -12.46 -25.82 1.68
C GLY A 178 -13.28 -27.07 1.93
N GLU A 191 -11.64 -19.32 16.24
CA GLU A 191 -13.02 -19.50 15.78
C GLU A 191 -13.08 -19.56 14.25
N SER A 192 -14.25 -19.93 13.73
CA SER A 192 -14.45 -20.00 12.28
C SER A 192 -14.55 -18.63 11.62
N LEU A 193 -14.55 -17.55 12.40
CA LEU A 193 -14.57 -16.20 11.86
C LEU A 193 -13.18 -15.60 11.72
N TYR A 194 -12.14 -16.31 12.12
CA TYR A 194 -10.77 -15.85 12.02
C TYR A 194 -9.93 -16.92 11.32
N THR A 195 -8.97 -16.46 10.52
CA THR A 195 -8.04 -17.38 9.88
C THR A 195 -7.19 -18.08 10.93
N GLN A 196 -7.18 -19.41 10.88
CA GLN A 196 -6.43 -20.17 11.88
C GLN A 196 -4.95 -20.19 11.53
N PRO A 197 -4.08 -20.34 12.55
CA PRO A 197 -2.63 -20.39 12.27
C PRO A 197 -2.22 -21.50 11.33
N GLU A 198 -2.90 -22.65 11.38
CA GLU A 198 -2.60 -23.73 10.45
C GLU A 198 -2.84 -23.30 9.02
N THR A 199 -3.93 -22.57 8.77
CA THR A 199 -4.21 -22.07 7.43
C THR A 199 -3.15 -21.07 6.98
N VAL A 200 -2.74 -20.18 7.87
CA VAL A 200 -1.71 -19.19 7.53
C VAL A 200 -0.40 -19.90 7.21
N PHE A 201 -0.04 -20.91 8.00
CA PHE A 201 1.20 -21.63 7.73
C PHE A 201 1.13 -22.41 6.42
N ALA A 202 -0.06 -22.91 6.06
CA ALA A 202 -0.21 -23.55 4.75
C ALA A 202 0.18 -22.62 3.61
N VAL A 203 -0.08 -21.31 3.78
CA VAL A 203 0.39 -20.34 2.80
C VAL A 203 1.91 -20.29 2.80
N TYR A 204 2.53 -20.23 3.98
CA TYR A 204 3.98 -20.20 4.07
C TYR A 204 4.59 -21.46 3.46
N LYS A 205 3.98 -22.62 3.72
CA LYS A 205 4.54 -23.88 3.26
C LYS A 205 4.61 -23.94 1.74
N ALA A 206 3.64 -23.34 1.06
CA ALA A 206 3.57 -23.40 -0.40
C ALA A 206 4.43 -22.33 -1.09
N LEU A 207 4.62 -21.19 -0.45
CA LEU A 207 5.30 -20.06 -1.07
C LEU A 207 6.78 -19.99 -0.70
N ALA A 208 7.14 -20.36 0.53
CA ALA A 208 8.53 -20.23 0.97
C ALA A 208 9.53 -20.95 0.08
N PRO A 209 9.30 -22.18 -0.40
CA PRO A 209 10.28 -22.81 -1.28
C PRO A 209 10.51 -22.04 -2.58
N ILE A 210 9.52 -21.27 -3.03
CA ILE A 210 9.69 -20.50 -4.26
C ILE A 210 10.58 -19.29 -4.01
N SER A 211 10.26 -18.51 -2.99
CA SER A 211 10.98 -17.29 -2.65
C SER A 211 10.53 -16.80 -1.29
N PRO A 212 11.39 -16.15 -0.51
CA PRO A 212 10.97 -15.59 0.78
C PRO A 212 10.28 -14.24 0.68
N ASN A 213 10.09 -13.73 -0.52
CA ASN A 213 9.58 -12.35 -0.71
C ASN A 213 8.05 -12.37 -0.80
N PHE A 214 7.42 -12.73 0.32
CA PHE A 214 5.96 -12.74 0.36
C PHE A 214 5.46 -12.34 1.74
N SER A 215 4.27 -11.74 1.75
CA SER A 215 3.61 -11.32 2.96
C SER A 215 2.17 -11.81 2.94
N ILE A 216 1.59 -11.96 4.13
CA ILE A 216 0.28 -12.56 4.32
C ILE A 216 -0.62 -11.57 5.04
N ALA A 217 -1.84 -11.40 4.53
CA ALA A 217 -2.87 -10.59 5.17
C ALA A 217 -4.01 -11.55 5.54
N ALA A 218 -4.10 -11.88 6.83
CA ALA A 218 -5.10 -12.82 7.31
C ALA A 218 -6.28 -12.08 7.94
N ALA A 219 -7.41 -12.78 8.04
CA ALA A 219 -8.60 -12.24 8.66
C ALA A 219 -8.53 -12.46 10.18
N PHE A 220 -8.59 -11.37 10.93
CA PHE A 220 -8.51 -11.43 12.39
C PHE A 220 -9.42 -10.38 13.02
N GLY A 221 -10.62 -10.22 12.46
CA GLY A 221 -11.57 -9.23 12.94
C GLY A 221 -11.49 -7.89 12.27
N ASN A 222 -10.62 -7.73 11.27
CA ASN A 222 -10.47 -6.48 10.54
C ASN A 222 -11.46 -6.48 9.38
N VAL A 223 -12.67 -5.99 9.66
CA VAL A 223 -13.72 -5.99 8.65
C VAL A 223 -13.42 -4.91 7.62
N HIS A 224 -13.30 -5.31 6.36
CA HIS A 224 -13.06 -4.38 5.27
C HIS A 224 -13.48 -4.98 3.93
N GLY A 230 -21.88 -10.95 11.74
CA GLY A 230 -22.08 -10.14 12.93
C GLY A 230 -21.01 -9.08 13.11
N ASN A 231 -20.75 -8.71 14.37
CA ASN A 231 -19.75 -7.71 14.72
C ASN A 231 -18.56 -8.44 15.34
N VAL A 232 -17.63 -8.84 14.49
CA VAL A 232 -16.41 -9.50 14.96
C VAL A 232 -15.44 -8.44 15.46
N GLN A 233 -15.02 -8.55 16.71
CA GLN A 233 -14.05 -7.63 17.27
C GLN A 233 -12.65 -7.96 16.76
N LEU A 234 -11.80 -6.94 16.75
CA LEU A 234 -10.42 -7.13 16.32
C LEU A 234 -9.70 -8.08 17.28
N ARG A 235 -9.02 -9.08 16.72
CA ARG A 235 -8.30 -10.09 17.49
C ARG A 235 -6.82 -10.06 17.11
N PRO A 236 -6.10 -9.00 17.50
CA PRO A 236 -4.68 -8.92 17.13
C PRO A 236 -3.81 -9.96 17.80
N SER A 237 -4.30 -10.60 18.86
CA SER A 237 -3.51 -11.62 19.55
C SER A 237 -3.28 -12.84 18.66
N ILE A 238 -4.22 -13.12 17.75
CA ILE A 238 -4.07 -14.28 16.88
C ILE A 238 -2.92 -14.11 15.90
N LEU A 239 -2.49 -12.86 15.63
CA LEU A 239 -1.33 -12.66 14.78
C LEU A 239 -0.07 -13.23 15.44
N GLY A 240 0.09 -13.01 16.74
CA GLY A 240 1.19 -13.64 17.46
C GLY A 240 1.08 -15.15 17.49
N GLU A 241 -0.15 -15.67 17.39
CA GLU A 241 -0.32 -17.12 17.27
C GLU A 241 0.13 -17.61 15.89
N HIS A 242 -0.08 -16.83 14.84
CA HIS A 242 0.42 -17.22 13.53
C HIS A 242 1.94 -17.37 13.55
N GLN A 243 2.63 -16.44 14.21
CA GLN A 243 4.10 -16.47 14.21
C GLN A 243 4.62 -17.63 15.05
N LYS A 244 4.01 -17.89 16.21
CA LYS A 244 4.49 -18.99 17.03
C LYS A 244 4.23 -20.34 16.37
N TYR A 245 3.12 -20.47 15.65
CA TYR A 245 2.84 -21.73 14.97
C TYR A 245 3.82 -21.96 13.83
N ALA A 246 4.10 -20.92 13.05
CA ALA A 246 5.07 -21.05 11.97
C ALA A 246 6.47 -21.34 12.51
N LYS A 247 6.87 -20.64 13.57
CA LYS A 247 8.20 -20.86 14.15
C LYS A 247 8.37 -22.29 14.63
N GLU A 248 7.34 -22.86 15.25
CA GLU A 248 7.44 -24.23 15.73
C GLU A 248 7.48 -25.22 14.57
N GLN A 249 6.76 -24.94 13.48
CA GLN A 249 6.77 -25.83 12.33
C GLN A 249 8.03 -25.66 11.50
N ILE A 250 8.58 -24.45 11.42
CA ILE A 250 9.82 -24.24 10.70
C ILE A 250 11.00 -24.82 11.47
N GLY A 251 11.03 -24.59 12.78
CA GLY A 251 12.14 -25.03 13.60
C GLY A 251 13.28 -24.03 13.57
N THR A 252 13.02 -22.82 14.06
CA THR A 252 14.02 -21.77 14.05
C THR A 252 13.85 -20.91 15.31
N ASP A 253 14.83 -20.05 15.53
CA ASP A 253 14.77 -19.09 16.63
C ASP A 253 14.14 -17.77 16.22
N ASN A 254 13.72 -17.64 14.96
CA ASN A 254 13.07 -16.42 14.49
C ASN A 254 11.67 -16.32 15.09
N LYS A 255 11.45 -15.29 15.91
CA LYS A 255 10.14 -15.12 16.54
C LYS A 255 9.09 -14.58 15.58
N LYS A 256 9.52 -13.99 14.46
CA LYS A 256 8.60 -13.43 13.45
C LYS A 256 9.01 -13.94 12.07
N PRO A 257 8.73 -15.21 11.77
CA PRO A 257 9.07 -15.73 10.44
C PRO A 257 8.14 -15.25 9.34
N LEU A 258 6.94 -14.79 9.67
CA LEU A 258 5.97 -14.36 8.68
C LEU A 258 5.92 -12.84 8.61
N TYR A 259 5.79 -12.32 7.38
CA TYR A 259 5.56 -10.90 7.15
C TYR A 259 4.05 -10.68 7.06
N LEU A 260 3.48 -10.01 8.06
CA LEU A 260 2.04 -9.84 8.16
C LEU A 260 1.64 -8.43 7.76
N VAL A 261 0.41 -8.32 7.23
CA VAL A 261 -0.15 -7.07 6.74
C VAL A 261 -1.46 -6.79 7.46
N PHE A 262 -1.72 -5.52 7.73
CA PHE A 262 -2.91 -5.07 8.47
C PHE A 262 -3.80 -4.28 7.52
N HIS A 263 -4.84 -4.92 7.01
CA HIS A 263 -5.83 -4.26 6.17
C HIS A 263 -6.97 -3.73 7.03
N GLY A 264 -7.51 -2.57 6.62
CA GLY A 264 -8.65 -1.99 7.29
C GLY A 264 -8.42 -1.69 8.76
N GLY A 265 -7.33 -0.99 9.06
CA GLY A 265 -7.00 -0.65 10.43
C GLY A 265 -7.63 0.61 10.95
N SER A 266 -8.46 1.30 10.16
CA SER A 266 -9.07 2.54 10.59
C SER A 266 -10.01 2.29 11.77
N GLY A 267 -9.83 3.05 12.83
CA GLY A 267 -10.62 2.91 14.04
C GLY A 267 -9.97 2.11 15.14
N SER A 268 -8.87 1.42 14.85
CA SER A 268 -8.16 0.66 15.86
C SER A 268 -7.43 1.59 16.82
N SER A 269 -7.28 1.13 18.07
CA SER A 269 -6.61 1.91 19.09
C SER A 269 -5.09 1.79 18.96
N GLN A 270 -4.39 2.67 19.66
CA GLN A 270 -2.93 2.59 19.69
C GLN A 270 -2.46 1.26 20.28
N GLU A 271 -3.25 0.69 21.20
CA GLU A 271 -2.87 -0.58 21.83
C GLU A 271 -2.98 -1.73 20.84
N GLU A 272 -4.03 -1.74 20.02
CA GLU A 272 -4.21 -2.82 19.04
C GLU A 272 -3.13 -2.76 17.96
N PHE A 273 -2.73 -1.55 17.55
CA PHE A 273 -1.65 -1.43 16.58
C PHE A 273 -0.33 -1.89 17.18
N ASP A 274 -0.07 -1.56 18.45
CA ASP A 274 1.18 -1.96 19.09
C ASP A 274 1.29 -3.48 19.18
N THR A 275 0.21 -4.15 19.57
CA THR A 275 0.26 -5.61 19.67
C THR A 275 0.38 -6.25 18.29
N ALA A 276 -0.23 -5.65 17.26
CA ALA A 276 -0.10 -6.18 15.91
C ALA A 276 1.33 -6.01 15.39
N ILE A 277 1.91 -4.83 15.57
CA ILE A 277 3.28 -4.60 15.13
C ILE A 277 4.24 -5.50 15.90
N ALA A 278 3.99 -5.70 17.20
CA ALA A 278 4.81 -6.61 17.98
C ALA A 278 4.66 -8.06 17.53
N SER A 279 3.65 -8.37 16.72
CA SER A 279 3.46 -9.70 16.17
C SER A 279 3.98 -9.82 14.74
N GLY A 280 4.81 -8.87 14.32
CA GLY A 280 5.44 -8.95 13.02
C GLY A 280 4.68 -8.28 11.89
N VAL A 281 3.69 -7.46 12.18
CA VAL A 281 3.03 -6.68 11.14
C VAL A 281 4.00 -5.61 10.64
N VAL A 282 4.17 -5.55 9.32
CA VAL A 282 5.09 -4.60 8.71
C VAL A 282 4.36 -3.56 7.86
N LYS A 283 3.07 -3.74 7.59
CA LYS A 283 2.38 -2.92 6.60
C LYS A 283 0.94 -2.72 7.04
N VAL A 284 0.50 -1.46 7.11
CA VAL A 284 -0.87 -1.12 7.51
C VAL A 284 -1.47 -0.28 6.40
N ASN A 285 -2.56 -0.76 5.82
CA ASN A 285 -3.17 -0.07 4.69
C ASN A 285 -3.93 1.17 5.16
N LEU A 286 -3.84 2.23 4.38
CA LEU A 286 -4.55 3.48 4.63
C LEU A 286 -5.14 3.97 3.32
N ASP A 287 -6.46 4.18 3.30
CA ASP A 287 -7.12 4.62 2.08
C ASP A 287 -8.17 5.68 2.40
N THR A 288 -9.29 5.25 2.97
CA THR A 288 -10.41 6.16 3.20
C THR A 288 -10.00 7.37 4.03
N ASP A 289 -9.23 7.14 5.10
CA ASP A 289 -8.82 8.25 5.96
C ASP A 289 -7.96 9.26 5.20
N CYS A 290 -7.17 8.80 4.23
CA CYS A 290 -6.38 9.73 3.42
C CYS A 290 -7.24 10.44 2.38
N GLN A 291 -8.27 9.77 1.87
CA GLN A 291 -9.18 10.42 0.93
C GLN A 291 -9.88 11.61 1.57
N TYR A 292 -10.39 11.44 2.79
CA TYR A 292 -11.08 12.52 3.47
C TYR A 292 -10.13 13.67 3.78
N ALA A 293 -8.93 13.35 4.28
CA ALA A 293 -7.95 14.39 4.59
C ALA A 293 -7.59 15.19 3.35
N TYR A 294 -7.46 14.52 2.20
CA TYR A 294 -7.15 15.22 0.96
C TYR A 294 -8.25 16.19 0.57
N LEU A 295 -9.50 15.87 0.91
CA LEU A 295 -10.61 16.74 0.54
C LEU A 295 -10.68 17.98 1.41
N THR A 296 -10.41 17.84 2.71
CA THR A 296 -10.63 18.94 3.65
C THR A 296 -9.82 20.17 3.29
N GLY A 297 -8.57 19.98 2.85
CA GLY A 297 -7.76 21.11 2.43
C GLY A 297 -8.37 21.87 1.27
N ILE A 298 -8.75 21.14 0.22
CA ILE A 298 -9.45 21.76 -0.91
C ILE A 298 -10.83 22.21 -0.48
N ARG A 299 -11.44 21.51 0.49
CA ARG A 299 -12.72 21.94 1.04
C ARG A 299 -12.57 23.28 1.77
N ASP A 300 -11.60 23.38 2.69
CA ASP A 300 -11.42 24.59 3.47
C ASP A 300 -10.96 25.78 2.62
N TYR A 301 -10.37 25.53 1.45
CA TYR A 301 -9.89 26.61 0.62
C TYR A 301 -11.05 27.40 0.03
N ILE A 302 -11.79 26.80 -0.91
CA ILE A 302 -12.85 27.52 -1.60
C ILE A 302 -14.03 27.85 -0.71
N LEU A 303 -14.09 27.28 0.50
CA LEU A 303 -15.09 27.68 1.47
C LEU A 303 -14.74 29.02 2.09
N ASN A 304 -13.54 29.11 2.69
CA ASN A 304 -13.08 30.35 3.29
C ASN A 304 -12.66 31.39 2.27
N LYS A 305 -12.58 31.03 0.98
CA LYS A 305 -12.29 31.95 -0.10
C LYS A 305 -13.48 32.05 -1.05
N LYS A 306 -14.68 32.16 -0.50
CA LYS A 306 -15.88 32.18 -1.32
C LYS A 306 -15.96 33.48 -2.12
N GLU A 307 -16.61 33.38 -3.29
CA GLU A 307 -16.77 34.48 -4.24
C GLU A 307 -15.44 34.94 -4.82
N TYR A 308 -14.33 34.38 -4.31
CA TYR A 308 -13.04 34.58 -4.92
C TYR A 308 -12.83 33.65 -6.10
N LEU A 309 -13.67 32.62 -6.23
CA LEU A 309 -13.57 31.65 -7.31
C LEU A 309 -14.84 31.54 -8.16
N MET A 310 -15.90 32.26 -7.82
CA MET A 310 -17.17 32.07 -8.53
C MET A 310 -17.08 32.52 -9.98
N THR A 311 -16.30 33.57 -10.25
CA THR A 311 -16.11 34.04 -11.62
C THR A 311 -14.66 34.43 -11.82
N PRO A 312 -14.22 34.71 -13.05
CA PRO A 312 -12.92 35.39 -13.23
C PRO A 312 -13.03 36.88 -12.93
N VAL A 313 -14.08 37.26 -12.20
CA VAL A 313 -14.28 38.64 -11.75
C VAL A 313 -14.06 38.76 -10.24
N GLY A 314 -14.92 38.11 -9.44
CA GLY A 314 -14.65 37.93 -8.02
C GLY A 314 -14.54 39.22 -7.23
N ASN A 315 -13.55 39.25 -6.35
CA ASN A 315 -13.35 40.30 -5.35
C ASN A 315 -11.85 40.51 -5.21
N PRO A 316 -11.35 41.40 -4.30
CA PRO A 316 -11.93 42.26 -3.26
C PRO A 316 -12.73 43.44 -3.79
N ASP A 317 -12.26 44.08 -4.87
CA ASP A 317 -12.97 45.22 -5.44
C ASP A 317 -14.00 44.73 -6.45
N GLY A 318 -14.31 45.56 -7.44
CA GLY A 318 -15.29 45.22 -8.45
C GLY A 318 -14.73 44.29 -9.50
N GLU A 319 -15.23 44.45 -10.73
CA GLU A 319 -14.76 43.64 -11.84
C GLU A 319 -13.32 43.94 -12.23
N ASP A 320 -12.72 44.98 -11.65
CA ASP A 320 -11.34 45.35 -11.97
C ASP A 320 -10.34 44.31 -11.48
N LYS A 321 -10.74 43.43 -10.57
CA LYS A 321 -9.70 42.54 -10.06
C LYS A 321 -9.78 41.16 -10.70
N PRO A 322 -8.64 40.58 -11.05
CA PRO A 322 -8.63 39.23 -11.61
C PRO A 322 -8.56 38.17 -10.50
N ASN A 323 -9.01 36.97 -10.86
CA ASN A 323 -9.02 35.85 -9.95
C ASN A 323 -7.96 34.80 -10.27
N LYS A 324 -7.06 35.09 -11.22
CA LYS A 324 -6.09 34.10 -11.67
C LYS A 324 -5.19 33.63 -10.53
N LYS A 325 -4.89 34.52 -9.58
CA LYS A 325 -4.05 34.14 -8.45
C LYS A 325 -4.73 33.15 -7.52
N TYR A 326 -6.05 33.04 -7.57
CA TYR A 326 -6.80 32.26 -6.59
C TYR A 326 -7.32 30.94 -7.13
N PHE A 327 -7.79 30.88 -8.38
CA PHE A 327 -8.24 29.61 -8.94
C PHE A 327 -7.10 28.80 -9.56
N ASP A 328 -5.86 29.25 -9.40
CA ASP A 328 -4.71 28.51 -9.89
C ASP A 328 -4.66 27.15 -9.21
N PRO A 329 -4.76 26.05 -9.96
CA PRO A 329 -4.79 24.72 -9.31
C PRO A 329 -3.55 24.44 -8.49
N ARG A 330 -2.42 25.05 -8.81
CA ARG A 330 -1.22 24.89 -8.01
C ARG A 330 -1.37 25.45 -6.59
N VAL A 331 -2.40 26.25 -6.34
CA VAL A 331 -2.61 26.86 -5.04
C VAL A 331 -3.55 26.05 -4.17
N TRP A 332 -4.74 25.71 -4.68
CA TRP A 332 -5.74 25.07 -3.84
C TRP A 332 -5.61 23.55 -3.78
N VAL A 333 -5.17 22.90 -4.87
CA VAL A 333 -4.92 21.47 -4.77
C VAL A 333 -3.79 21.23 -3.78
N ARG A 334 -2.84 22.18 -3.70
CA ARG A 334 -1.77 22.10 -2.71
C ARG A 334 -2.34 22.01 -1.29
N GLU A 335 -3.44 22.72 -1.03
CA GLU A 335 -4.07 22.65 0.28
C GLU A 335 -4.57 21.24 0.59
N GLY A 336 -5.00 20.50 -0.44
CA GLY A 336 -5.37 19.12 -0.23
C GLY A 336 -4.17 18.23 0.05
N GLU A 337 -3.02 18.54 -0.56
CA GLU A 337 -1.82 17.77 -0.28
C GLU A 337 -1.35 17.99 1.15
N LYS A 338 -1.45 19.21 1.65
CA LYS A 338 -0.97 19.51 3.00
C LYS A 338 -1.78 18.79 4.05
N SER A 339 -3.11 18.73 3.88
CA SER A 339 -3.96 18.05 4.87
C SER A 339 -3.85 16.54 4.74
N MET A 340 -3.63 16.03 3.54
CA MET A 340 -3.37 14.60 3.40
C MET A 340 -2.05 14.22 4.06
N SER A 341 -1.00 15.02 3.83
CA SER A 341 0.30 14.74 4.45
C SER A 341 0.22 14.82 5.97
N ALA A 342 -0.67 15.67 6.51
CA ALA A 342 -0.83 15.72 7.96
C ALA A 342 -1.45 14.43 8.49
N ARG A 343 -2.43 13.87 7.76
CA ARG A 343 -3.06 12.64 8.22
C ARG A 343 -2.09 11.46 8.15
N ILE A 344 -1.26 11.42 7.11
CA ILE A 344 -0.27 10.36 7.00
C ILE A 344 0.76 10.47 8.12
N ALA A 345 1.11 11.70 8.49
CA ALA A 345 2.03 11.91 9.60
C ALA A 345 1.49 11.37 10.92
N GLU A 346 0.16 11.43 11.10
CA GLU A 346 -0.44 10.83 12.29
C GLU A 346 -0.21 9.32 12.31
N ALA A 347 -0.32 8.67 11.15
CA ALA A 347 -0.09 7.23 11.08
C ALA A 347 1.37 6.89 11.29
N LEU A 348 2.28 7.71 10.73
CA LEU A 348 3.70 7.48 10.92
C LEU A 348 4.08 7.50 12.40
N GLU A 349 3.44 8.38 13.17
CA GLU A 349 3.69 8.41 14.62
C GLU A 349 3.10 7.18 15.29
N ILE A 350 1.88 6.81 14.92
CA ILE A 350 1.21 5.68 15.57
C ILE A 350 1.93 4.38 15.27
N PHE A 351 2.32 4.16 14.02
CA PHE A 351 2.99 2.93 13.63
C PHE A 351 4.48 2.94 13.95
N HIS A 352 4.98 4.00 14.59
CA HIS A 352 6.38 4.16 14.95
C HIS A 352 7.30 4.22 13.73
N THR A 353 6.75 4.50 12.55
CA THR A 353 7.58 4.68 11.36
C THR A 353 8.35 5.99 11.39
N LYS A 354 7.87 6.97 12.15
CA LYS A 354 8.50 8.28 12.21
C LYS A 354 9.94 8.17 12.71
N ASN A 355 10.86 8.82 12.01
CA ASN A 355 12.27 8.94 12.41
C ASN A 355 12.93 7.56 12.52
N GLN A 356 12.77 6.75 11.47
CA GLN A 356 13.44 5.46 11.40
C GLN A 356 14.59 5.42 10.41
N LEU A 357 14.66 6.36 9.48
CA LEU A 357 15.77 6.42 8.53
C LEU A 357 16.97 7.12 9.16
#